data_1VQ0
#
_entry.id   1VQ0
#
_cell.length_a   76.213
_cell.length_b   101.673
_cell.length_c   113.686
_cell.angle_alpha   90.00
_cell.angle_beta   90.00
_cell.angle_gamma   90.00
#
_symmetry.space_group_name_H-M   'P 21 21 21'
#
loop_
_entity.id
_entity.type
_entity.pdbx_description
1 polymer '33 kDa chaperonin'
2 non-polymer 'ZINC ION'
3 non-polymer 'CHLORIDE ION'
4 non-polymer 'UNKNOWN LIGAND'
5 non-polymer 1,2-ETHANEDIOL
6 water water
#
_entity_poly.entity_id   1
_entity_poly.type   'polypeptide(L)'
_entity_poly.pdbx_seq_one_letter_code
;MGSDKIHHHHHHMIYYGTMFDHKVRFSIVRMREVVEEARNRHALSYLATVVLGRALIGAALVTPWLAEKERWTLDIEGNG
PIRRVVAQSTSEFTVRGYVANPKVELPLNEKGKFDVAGAIGQGVLRVVRDLGLKTPFVSQVPLVSGEIAEDLAYYFAVSE
QIPSAFSIGVLVDSDGVKIAGGFAVQIIDRTLEQEKVEMIEKNIKNLPSISKLFQEAEPLDVLERIFGEKVGFVETAEIK
YKCDCNREKAKNALLVLDKKELEDMRKEGKGEVVCKWCNTRYVFSEEELEELLKFKVDDSGS
;
_entity_poly.pdbx_strand_id   A,B
#
loop_
_chem_comp.id
_chem_comp.type
_chem_comp.name
_chem_comp.formula
CL non-polymer 'CHLORIDE ION' 'Cl -1'
EDO non-polymer 1,2-ETHANEDIOL 'C2 H6 O2'
UNL non-polymer 'UNKNOWN LIGAND' ?
ZN non-polymer 'ZINC ION' 'Zn 2'
#
# COMPACT_ATOMS: atom_id res chain seq x y z
N HIS A 10 31.16 5.49 -19.49
CA HIS A 10 30.50 5.89 -18.20
C HIS A 10 29.63 4.78 -17.57
N HIS A 11 30.10 4.33 -16.41
CA HIS A 11 29.51 3.22 -15.68
C HIS A 11 28.69 3.70 -14.47
N HIS A 12 28.00 4.83 -14.62
CA HIS A 12 27.05 5.33 -13.65
C HIS A 12 26.20 6.37 -14.42
N MET A 13 25.61 5.87 -15.50
CA MET A 13 24.84 6.68 -16.43
C MET A 13 23.48 6.24 -16.95
N ILE A 14 22.52 7.20 -16.88
CA ILE A 14 21.21 6.86 -17.40
C ILE A 14 20.90 7.71 -18.64
N TYR A 15 20.23 7.09 -19.61
CA TYR A 15 19.74 7.77 -20.84
C TYR A 15 18.24 7.65 -20.91
N TYR A 16 17.54 8.71 -21.31
CA TYR A 16 16.09 8.65 -21.30
C TYR A 16 15.39 9.61 -22.28
N GLY A 17 14.15 9.26 -22.62
CA GLY A 17 13.39 9.98 -23.64
C GLY A 17 12.06 9.27 -23.83
N THR A 18 11.37 9.64 -24.90
CA THR A 18 10.09 9.11 -25.29
C THR A 18 10.10 8.80 -26.76
N MET A 19 9.14 7.93 -27.15
CA MET A 19 8.91 7.58 -28.54
C MET A 19 7.44 7.64 -28.87
N PHE A 20 7.19 7.85 -30.18
CA PHE A 20 5.86 7.77 -30.81
C PHE A 20 4.90 8.78 -30.21
N ASP A 21 5.17 10.05 -30.52
CA ASP A 21 4.43 11.22 -30.01
C ASP A 21 4.21 11.15 -28.54
N HIS A 22 5.28 10.82 -27.80
CA HIS A 22 5.27 10.83 -26.34
C HIS A 22 4.35 9.81 -25.68
N LYS A 23 3.91 8.80 -26.42
CA LYS A 23 3.05 7.73 -25.86
C LYS A 23 3.84 6.64 -25.13
N VAL A 24 5.14 6.55 -25.43
CA VAL A 24 6.04 5.61 -24.77
C VAL A 24 7.23 6.39 -24.22
N ARG A 25 7.68 6.00 -23.06
CA ARG A 25 8.88 6.53 -22.41
C ARG A 25 9.88 5.39 -22.19
N PHE A 26 11.16 5.73 -22.24
CA PHE A 26 12.21 4.73 -22.03
C PHE A 26 13.32 5.33 -21.18
N SER A 27 14.08 4.41 -20.58
CA SER A 27 15.14 4.60 -19.58
C SER A 27 16.11 3.48 -19.89
N ILE A 28 17.41 3.75 -19.91
CA ILE A 28 18.43 2.70 -19.99
C ILE A 28 19.66 3.15 -19.20
N VAL A 29 20.23 2.24 -18.44
CA VAL A 29 21.20 2.64 -17.38
C VAL A 29 22.37 1.66 -17.40
N ARG A 30 23.56 2.21 -17.29
CA ARG A 30 24.75 1.43 -17.02
C ARG A 30 25.31 1.95 -15.70
N MET A 31 25.38 1.08 -14.73
CA MET A 31 25.74 1.53 -13.41
C MET A 31 26.53 0.53 -12.55
N ARG A 32 27.46 -0.17 -13.16
CA ARG A 32 28.34 -1.06 -12.42
C ARG A 32 29.06 -0.40 -11.24
N GLU A 33 29.47 0.85 -11.41
CA GLU A 33 30.15 1.57 -10.34
C GLU A 33 29.28 1.75 -9.10
N VAL A 34 28.00 2.01 -9.32
CA VAL A 34 27.04 2.20 -8.27
C VAL A 34 26.81 0.88 -7.50
N VAL A 35 26.60 -0.20 -8.26
CA VAL A 35 26.37 -1.51 -7.67
C VAL A 35 27.68 -2.02 -7.02
N GLU A 36 28.83 -1.70 -7.62
CA GLU A 36 30.10 -2.05 -6.97
C GLU A 36 30.25 -1.38 -5.59
N GLU A 37 29.87 -0.11 -5.48
CA GLU A 37 29.97 0.61 -4.20
C GLU A 37 29.04 0.04 -3.12
N ALA A 38 27.82 -0.34 -3.50
CA ALA A 38 26.88 -0.98 -2.60
C ALA A 38 27.50 -2.27 -2.04
N ARG A 39 28.14 -3.03 -2.95
CA ARG A 39 28.76 -4.29 -2.61
C ARG A 39 29.91 -4.10 -1.61
N ASN A 40 30.77 -3.09 -1.82
CA ASN A 40 31.81 -2.81 -0.87
C ASN A 40 31.34 -2.20 0.45
N ARG A 41 30.43 -1.24 0.41
CA ARG A 41 29.93 -0.61 1.66
C ARG A 41 29.31 -1.65 2.58
N HIS A 42 28.47 -2.50 2.00
CA HIS A 42 27.76 -3.55 2.72
C HIS A 42 28.45 -4.89 2.78
N ALA A 43 29.61 -5.03 2.14
CA ALA A 43 30.33 -6.29 2.09
C ALA A 43 29.40 -7.42 1.66
N LEU A 44 28.70 -7.17 0.56
CA LEU A 44 27.72 -8.11 0.00
C LEU A 44 28.37 -9.38 -0.52
N SER A 45 27.71 -10.50 -0.32
CA SER A 45 28.04 -11.74 -0.98
C SER A 45 27.74 -11.59 -2.46
N TYR A 46 28.18 -12.55 -3.26
CA TYR A 46 27.85 -12.54 -4.68
C TYR A 46 26.33 -12.52 -4.92
N LEU A 47 25.62 -13.39 -4.24
CA LEU A 47 24.21 -13.45 -4.45
C LEU A 47 23.47 -12.14 -4.04
N ALA A 48 23.85 -11.58 -2.89
CA ALA A 48 23.26 -10.36 -2.35
C ALA A 48 23.61 -9.17 -3.23
N THR A 49 24.78 -9.23 -3.85
CA THR A 49 25.16 -8.23 -4.88
C THR A 49 24.15 -8.24 -6.05
N VAL A 50 23.78 -9.43 -6.50
CA VAL A 50 22.92 -9.51 -7.68
C VAL A 50 21.49 -9.08 -7.30
N VAL A 51 21.03 -9.52 -6.12
CA VAL A 51 19.66 -9.23 -5.68
C VAL A 51 19.47 -7.71 -5.44
N LEU A 52 20.32 -7.15 -4.60
CA LEU A 52 20.34 -5.71 -4.38
C LEU A 52 20.62 -4.90 -5.66
N GLY A 53 21.57 -5.36 -6.47
CA GLY A 53 21.91 -4.68 -7.71
C GLY A 53 20.71 -4.54 -8.64
N ARG A 54 19.96 -5.61 -8.78
CA ARG A 54 18.82 -5.57 -9.63
C ARG A 54 17.79 -4.57 -9.14
N ALA A 55 17.64 -4.53 -7.82
CA ALA A 55 16.72 -3.65 -7.16
C ALA A 55 17.14 -2.16 -7.31
N LEU A 56 18.44 -1.89 -7.10
CA LEU A 56 19.06 -0.57 -7.34
C LEU A 56 18.89 -0.15 -8.80
N ILE A 57 19.11 -1.05 -9.73
CA ILE A 57 18.90 -0.73 -11.16
C ILE A 57 17.43 -0.32 -11.38
N GLY A 58 16.51 -1.14 -10.91
CA GLY A 58 15.07 -0.85 -10.90
C GLY A 58 14.77 0.56 -10.44
N ALA A 59 15.15 0.88 -9.21
CA ALA A 59 15.02 2.23 -8.67
C ALA A 59 15.64 3.36 -9.59
N ALA A 60 16.83 3.11 -10.11
CA ALA A 60 17.51 4.04 -11.01
C ALA A 60 16.73 4.29 -12.27
N LEU A 61 16.16 3.23 -12.83
CA LEU A 61 15.45 3.34 -14.10
C LEU A 61 14.24 4.28 -14.08
N VAL A 62 13.64 4.45 -12.90
CA VAL A 62 12.42 5.30 -12.76
C VAL A 62 12.82 6.73 -12.39
N THR A 63 14.09 6.99 -12.06
CA THR A 63 14.48 8.39 -11.65
C THR A 63 14.05 9.53 -12.57
N PRO A 64 14.11 9.37 -13.89
CA PRO A 64 13.76 10.52 -14.80
C PRO A 64 12.33 10.95 -14.68
N TRP A 65 11.52 10.12 -14.02
CA TRP A 65 10.07 10.27 -14.01
C TRP A 65 9.53 10.59 -12.65
N LEU A 66 10.41 10.75 -11.67
CA LEU A 66 9.96 11.17 -10.32
C LEU A 66 9.51 12.64 -10.25
N ALA A 67 8.63 12.97 -9.29
CA ALA A 67 8.30 14.34 -9.03
C ALA A 67 9.51 15.09 -8.43
N GLU A 68 9.42 16.40 -8.26
CA GLU A 68 10.54 17.21 -7.72
C GLU A 68 10.73 16.86 -6.24
N LYS A 69 11.93 16.55 -5.81
CA LYS A 69 12.19 16.16 -4.41
C LYS A 69 11.52 14.85 -3.99
N GLU A 70 11.15 14.00 -4.94
CA GLU A 70 10.65 12.68 -4.55
C GLU A 70 11.73 11.72 -4.11
N ARG A 71 11.46 10.96 -3.04
CA ARG A 71 12.14 9.67 -2.84
C ARG A 71 11.17 8.53 -3.16
N TRP A 72 11.64 7.62 -4.01
CA TRP A 72 10.91 6.46 -4.51
C TRP A 72 11.60 5.25 -3.97
N THR A 73 10.89 4.41 -3.21
CA THR A 73 11.50 3.23 -2.55
C THR A 73 10.82 1.93 -2.98
N LEU A 74 11.64 0.99 -3.46
CA LEU A 74 11.22 -0.41 -3.71
C LEU A 74 11.58 -1.25 -2.51
N ASP A 75 10.55 -1.83 -1.91
CA ASP A 75 10.67 -2.68 -0.75
C ASP A 75 10.03 -4.08 -1.06
N ILE A 76 10.88 -5.03 -1.35
CA ILE A 76 10.53 -6.42 -1.57
C ILE A 76 10.79 -7.23 -0.26
N GLU A 77 9.74 -7.85 0.22
CA GLU A 77 9.83 -8.62 1.43
C GLU A 77 9.30 -10.06 1.21
N GLY A 78 10.08 -11.05 1.60
CA GLY A 78 9.69 -12.47 1.38
C GLY A 78 10.28 -13.42 2.34
N ASN A 79 9.90 -14.71 2.20
CA ASN A 79 10.32 -15.73 3.13
C ASN A 79 11.63 -16.50 2.75
N GLY A 80 12.28 -16.14 1.65
CA GLY A 80 13.58 -16.67 1.36
C GLY A 80 14.63 -16.13 2.31
N PRO A 81 15.85 -16.67 2.21
CA PRO A 81 16.91 -16.40 3.20
C PRO A 81 17.51 -15.00 3.16
N ILE A 82 17.31 -14.26 2.04
CA ILE A 82 17.63 -12.82 2.04
C ILE A 82 16.66 -11.89 2.83
N ARG A 83 15.38 -12.30 2.90
CA ARG A 83 14.32 -11.74 3.76
C ARG A 83 13.71 -10.44 3.26
N ARG A 84 14.58 -9.48 2.96
CA ARG A 84 14.18 -8.15 2.56
C ARG A 84 15.21 -7.47 1.66
N VAL A 85 14.69 -6.79 0.64
CA VAL A 85 15.45 -6.04 -0.33
C VAL A 85 14.81 -4.67 -0.51
N VAL A 86 15.60 -3.62 -0.25
CA VAL A 86 15.11 -2.25 -0.25
C VAL A 86 16.02 -1.35 -1.12
N ALA A 87 15.44 -0.69 -2.11
CA ALA A 87 16.20 0.21 -2.93
C ALA A 87 15.47 1.50 -3.10
N GLN A 88 16.15 2.60 -2.75
CA GLN A 88 15.58 3.94 -2.89
C GLN A 88 16.33 4.75 -3.95
N SER A 89 15.59 5.44 -4.80
CA SER A 89 16.08 6.45 -5.73
C SER A 89 15.41 7.82 -5.51
N THR A 90 16.03 8.87 -6.04
CA THR A 90 15.59 10.23 -5.86
C THR A 90 15.49 11.00 -7.16
N SER A 91 14.83 12.16 -7.07
CA SER A 91 14.74 13.04 -8.21
C SER A 91 16.12 13.62 -8.61
N GLU A 92 17.11 13.60 -7.69
CA GLU A 92 18.48 14.05 -7.97
C GLU A 92 19.37 12.93 -8.53
N PHE A 93 18.73 11.86 -9.01
CA PHE A 93 19.40 10.78 -9.72
C PHE A 93 20.39 10.02 -8.82
N THR A 94 20.12 9.98 -7.50
CA THR A 94 20.91 9.17 -6.62
C THR A 94 20.15 7.92 -6.14
N VAL A 95 20.90 6.96 -5.63
CA VAL A 95 20.31 5.75 -5.08
C VAL A 95 21.00 5.32 -3.76
N ARG A 96 20.27 4.52 -3.01
CA ARG A 96 20.85 3.82 -1.90
C ARG A 96 19.95 2.62 -1.62
N GLY A 97 20.44 1.70 -0.82
CA GLY A 97 19.80 0.40 -0.68
C GLY A 97 20.49 -0.54 0.28
N TYR A 98 19.81 -1.62 0.63
CA TYR A 98 20.30 -2.61 1.61
C TYR A 98 19.45 -3.90 1.52
N VAL A 99 19.99 -4.99 2.07
CA VAL A 99 19.28 -6.25 2.17
C VAL A 99 19.34 -6.65 3.61
N ALA A 100 18.38 -7.47 4.05
CA ALA A 100 18.35 -7.89 5.45
C ALA A 100 19.50 -8.85 5.77
N ASN A 101 19.88 -9.67 4.77
CA ASN A 101 20.92 -10.67 4.91
C ASN A 101 22.01 -10.54 3.87
N PRO A 102 22.98 -9.66 4.12
CA PRO A 102 24.04 -9.37 3.17
C PRO A 102 24.97 -10.55 2.82
N LYS A 103 25.02 -11.57 3.67
CA LYS A 103 25.90 -12.73 3.48
C LYS A 103 25.20 -13.95 2.87
N VAL A 104 23.95 -13.78 2.43
CA VAL A 104 23.18 -14.89 1.92
C VAL A 104 23.90 -15.62 0.77
N GLU A 105 23.86 -16.95 0.81
CA GLU A 105 24.36 -17.82 -0.24
C GLU A 105 23.32 -18.90 -0.53
N LEU A 106 23.29 -19.36 -1.76
CA LEU A 106 22.41 -20.46 -2.19
C LEU A 106 23.11 -21.14 -3.37
N PRO A 107 22.75 -22.38 -3.70
CA PRO A 107 23.20 -22.98 -4.94
C PRO A 107 22.73 -22.14 -6.13
N LEU A 108 23.44 -22.24 -7.23
CA LEU A 108 22.94 -21.65 -8.46
C LEU A 108 21.62 -22.33 -8.84
N ASN A 109 20.76 -21.62 -9.58
CA ASN A 109 19.55 -22.27 -10.14
C ASN A 109 19.96 -23.26 -11.23
N GLU A 110 19.00 -23.96 -11.79
CA GLU A 110 19.21 -25.02 -12.73
C GLU A 110 19.94 -24.54 -13.98
N LYS A 111 19.70 -23.31 -14.40
CA LYS A 111 20.35 -22.69 -15.59
C LYS A 111 21.72 -22.05 -15.25
N GLY A 112 22.15 -22.18 -14.00
CA GLY A 112 23.48 -21.78 -13.59
C GLY A 112 23.64 -20.33 -13.25
N LYS A 113 22.50 -19.65 -13.06
CA LYS A 113 22.42 -18.28 -12.67
C LYS A 113 22.30 -18.15 -11.10
N PHE A 114 22.64 -16.98 -10.56
CA PHE A 114 22.30 -16.65 -9.17
C PHE A 114 20.77 -16.73 -8.93
N ASP A 115 20.40 -17.39 -7.83
CA ASP A 115 19.02 -17.71 -7.52
C ASP A 115 18.35 -16.59 -6.77
N VAL A 116 18.14 -15.51 -7.51
CA VAL A 116 17.44 -14.33 -6.97
C VAL A 116 16.06 -14.69 -6.42
N ALA A 117 15.27 -15.45 -7.21
CA ALA A 117 13.92 -15.85 -6.84
C ALA A 117 13.96 -16.67 -5.53
N GLY A 118 14.88 -17.60 -5.46
CA GLY A 118 15.07 -18.42 -4.26
C GLY A 118 15.50 -17.55 -3.09
N ALA A 119 16.37 -16.57 -3.33
CA ALA A 119 16.82 -15.74 -2.21
C ALA A 119 15.63 -14.99 -1.60
N ILE A 120 14.72 -14.51 -2.47
CA ILE A 120 13.56 -13.72 -1.99
C ILE A 120 12.43 -14.59 -1.46
N GLY A 121 12.17 -15.68 -2.14
CA GLY A 121 11.07 -16.56 -1.76
C GLY A 121 9.71 -15.95 -2.04
N GLN A 122 8.74 -16.43 -1.30
CA GLN A 122 7.34 -16.05 -1.39
C GLN A 122 7.17 -14.75 -0.66
N GLY A 123 6.51 -13.80 -1.29
CA GLY A 123 6.31 -12.51 -0.69
C GLY A 123 5.72 -11.45 -1.58
N VAL A 124 6.05 -10.20 -1.27
CA VAL A 124 5.34 -9.03 -1.80
C VAL A 124 6.33 -7.94 -2.26
N LEU A 125 5.84 -7.08 -3.12
CA LEU A 125 6.57 -5.91 -3.53
C LEU A 125 5.77 -4.64 -3.20
N ARG A 126 6.46 -3.72 -2.53
CA ARG A 126 5.98 -2.39 -2.14
C ARG A 126 6.74 -1.30 -2.85
N VAL A 127 6.02 -0.27 -3.28
CA VAL A 127 6.58 1.00 -3.76
C VAL A 127 6.05 2.15 -2.92
N VAL A 128 6.99 2.84 -2.28
CA VAL A 128 6.73 4.05 -1.45
C VAL A 128 7.11 5.28 -2.24
N ARG A 129 6.15 6.17 -2.41
CA ARG A 129 6.37 7.42 -3.10
C ARG A 129 6.27 8.57 -2.10
N ASP A 130 7.41 9.12 -1.79
CA ASP A 130 7.51 10.16 -0.78
C ASP A 130 7.70 11.53 -1.50
N LEU A 131 6.59 12.25 -1.63
CA LEU A 131 6.47 13.42 -2.50
C LEU A 131 6.20 14.69 -1.70
N GLY A 132 6.69 14.76 -0.48
CA GLY A 132 6.46 15.97 0.34
C GLY A 132 5.06 16.19 0.90
N LEU A 133 4.25 15.13 0.99
CA LEU A 133 2.98 15.20 1.74
C LEU A 133 3.25 14.63 3.11
N LYS A 134 2.28 14.68 4.03
CA LYS A 134 2.51 14.32 5.45
C LYS A 134 2.99 12.89 5.63
N THR A 135 2.49 11.98 4.81
CA THR A 135 2.97 10.60 4.74
C THR A 135 2.98 10.25 3.28
N PRO A 136 3.73 9.23 2.90
CA PRO A 136 3.92 8.85 1.50
C PRO A 136 2.78 8.00 0.93
N PHE A 137 2.71 7.92 -0.40
CA PHE A 137 1.91 6.93 -1.08
C PHE A 137 2.62 5.59 -1.00
N VAL A 138 1.84 4.57 -0.69
CA VAL A 138 2.40 3.20 -0.65
C VAL A 138 1.47 2.25 -1.40
N SER A 139 2.06 1.40 -2.23
CA SER A 139 1.31 0.45 -2.98
C SER A 139 2.01 -0.88 -2.89
N GLN A 140 1.26 -1.93 -2.56
CA GLN A 140 1.74 -3.30 -2.37
C GLN A 140 1.05 -4.31 -3.28
N VAL A 141 1.85 -5.13 -3.95
CA VAL A 141 1.35 -6.15 -4.85
C VAL A 141 2.07 -7.48 -4.53
N PRO A 142 1.43 -8.61 -4.82
CA PRO A 142 2.10 -9.87 -4.66
C PRO A 142 3.20 -10.01 -5.71
N LEU A 143 4.26 -10.76 -5.36
CA LEU A 143 5.35 -10.97 -6.31
C LEU A 143 4.79 -11.85 -7.42
N VAL A 144 5.27 -11.63 -8.61
CA VAL A 144 4.96 -12.41 -9.76
C VAL A 144 5.96 -13.58 -9.96
N SER A 145 7.25 -13.31 -9.84
CA SER A 145 8.31 -14.31 -10.07
C SER A 145 9.48 -14.19 -9.11
N GLY A 146 9.70 -13.03 -8.52
CA GLY A 146 10.84 -12.88 -7.58
C GLY A 146 12.20 -12.62 -8.23
N GLU A 147 12.22 -12.38 -9.55
CA GLU A 147 13.36 -11.96 -10.31
C GLU A 147 13.54 -10.46 -10.30
N ILE A 148 12.58 -9.71 -9.74
CA ILE A 148 12.61 -8.23 -9.62
C ILE A 148 12.12 -7.46 -10.86
N ALA A 149 12.72 -7.69 -12.02
CA ALA A 149 12.33 -6.97 -13.24
C ALA A 149 10.82 -7.11 -13.41
N GLU A 150 10.41 -8.35 -13.50
CA GLU A 150 9.01 -8.66 -13.84
C GLU A 150 8.02 -8.25 -12.75
N ASP A 151 8.45 -8.42 -11.50
CA ASP A 151 7.70 -7.98 -10.34
C ASP A 151 7.40 -6.46 -10.41
N LEU A 152 8.41 -5.68 -10.84
CA LEU A 152 8.31 -4.23 -10.95
C LEU A 152 7.47 -3.84 -12.13
N ALA A 153 7.65 -4.54 -13.24
CA ALA A 153 6.72 -4.37 -14.40
C ALA A 153 5.26 -4.58 -14.03
N TYR A 154 4.96 -5.59 -13.21
CA TYR A 154 3.61 -5.86 -12.74
C TYR A 154 3.06 -4.78 -11.79
N TYR A 155 3.88 -4.30 -10.89
CA TYR A 155 3.54 -3.12 -10.07
C TYR A 155 3.06 -1.99 -11.03
N PHE A 156 3.88 -1.68 -12.03
CA PHE A 156 3.52 -0.57 -12.93
C PHE A 156 2.21 -0.82 -13.65
N ALA A 157 2.06 -2.00 -14.28
CA ALA A 157 0.83 -2.35 -14.99
C ALA A 157 -0.44 -2.24 -14.07
N VAL A 158 -0.34 -2.74 -12.86
CA VAL A 158 -1.52 -2.85 -12.02
C VAL A 158 -1.74 -1.62 -11.15
N SER A 159 -0.74 -1.12 -10.39
CA SER A 159 -0.98 0.04 -9.55
C SER A 159 -0.95 1.37 -10.30
N GLU A 160 -0.11 1.51 -11.29
CA GLU A 160 0.01 2.81 -11.96
C GLU A 160 -0.65 2.83 -13.32
N GLN A 161 -1.15 1.68 -13.75
CA GLN A 161 -1.77 1.51 -15.04
C GLN A 161 -0.86 1.93 -16.19
N ILE A 162 0.41 1.57 -16.05
CA ILE A 162 1.44 1.87 -17.02
C ILE A 162 2.01 0.53 -17.44
N PRO A 163 1.53 0.03 -18.58
CA PRO A 163 2.12 -1.19 -19.11
C PRO A 163 3.63 -0.98 -19.31
N SER A 164 4.40 -1.97 -18.92
CA SER A 164 5.82 -1.82 -18.73
C SER A 164 6.57 -3.09 -19.07
N ALA A 165 7.83 -2.88 -19.46
CA ALA A 165 8.86 -3.92 -19.59
C ALA A 165 10.11 -3.41 -18.96
N PHE A 166 10.65 -4.20 -18.04
CA PHE A 166 11.98 -3.97 -17.43
C PHE A 166 12.90 -5.15 -17.77
N SER A 167 14.10 -4.86 -18.22
CA SER A 167 15.12 -5.89 -18.35
C SER A 167 16.34 -5.47 -17.60
N ILE A 168 16.81 -6.35 -16.69
CA ILE A 168 17.79 -6.01 -15.67
C ILE A 168 18.78 -7.15 -15.47
N GLY A 169 20.07 -6.83 -15.32
CA GLY A 169 21.13 -7.85 -15.21
C GLY A 169 22.30 -7.29 -14.41
N VAL A 170 22.87 -8.14 -13.58
CA VAL A 170 24.08 -7.84 -12.83
C VAL A 170 25.07 -9.02 -13.00
N LEU A 171 26.24 -8.75 -13.56
CA LEU A 171 27.36 -9.70 -13.64
C LEU A 171 28.48 -9.24 -12.69
N VAL A 172 28.79 -10.13 -11.78
CA VAL A 172 29.75 -9.97 -10.72
C VAL A 172 30.72 -11.21 -10.68
N ASP A 173 32.03 -10.99 -10.51
CA ASP A 173 33.01 -12.07 -10.19
C ASP A 173 33.96 -11.61 -9.09
N SER A 174 35.13 -12.25 -8.95
CA SER A 174 36.02 -12.06 -7.81
C SER A 174 36.75 -10.73 -7.84
N ASP A 175 36.81 -10.11 -9.01
CA ASP A 175 37.29 -8.72 -9.15
C ASP A 175 36.15 -7.71 -8.99
N GLY A 176 34.93 -8.19 -8.80
CA GLY A 176 33.79 -7.33 -8.47
C GLY A 176 32.78 -7.26 -9.61
N VAL A 177 31.95 -6.21 -9.53
CA VAL A 177 30.88 -6.03 -10.46
C VAL A 177 31.40 -5.63 -11.83
N LYS A 178 30.99 -6.41 -12.83
CA LYS A 178 31.38 -6.22 -14.22
C LYS A 178 30.30 -5.54 -15.08
N ILE A 179 29.07 -5.86 -14.84
CA ILE A 179 27.93 -5.23 -15.50
C ILE A 179 26.83 -5.13 -14.46
N ALA A 180 26.18 -3.98 -14.39
CA ALA A 180 25.01 -3.73 -13.59
C ALA A 180 24.19 -2.67 -14.36
N GLY A 181 23.27 -3.16 -15.19
CA GLY A 181 22.51 -2.29 -16.07
C GLY A 181 21.16 -2.83 -16.42
N GLY A 182 20.40 -2.00 -17.12
CA GLY A 182 19.13 -2.47 -17.63
C GLY A 182 18.34 -1.42 -18.34
N PHE A 183 17.14 -1.79 -18.74
CA PHE A 183 16.26 -0.78 -19.34
C PHE A 183 14.83 -0.97 -18.89
N ALA A 184 14.06 0.09 -19.11
CA ALA A 184 12.61 0.14 -18.87
C ALA A 184 11.93 0.78 -20.06
N VAL A 185 10.88 0.12 -20.57
CA VAL A 185 10.00 0.70 -21.61
C VAL A 185 8.55 0.64 -21.06
N GLN A 186 7.87 1.80 -21.12
CA GLN A 186 6.56 2.03 -20.50
C GLN A 186 5.61 2.79 -21.39
N ILE A 187 4.39 2.28 -21.45
CA ILE A 187 3.36 2.89 -22.26
C ILE A 187 2.57 3.85 -21.38
N ILE A 188 2.82 5.13 -21.57
CA ILE A 188 2.17 6.13 -20.73
C ILE A 188 0.90 6.65 -21.38
N ASP A 189 0.64 6.26 -22.63
CA ASP A 189 -0.60 6.62 -23.32
C ASP A 189 -1.10 5.40 -24.10
N ARG A 190 -1.99 4.67 -23.45
CA ARG A 190 -2.52 3.43 -23.97
C ARG A 190 -3.36 3.52 -25.24
N THR A 191 -3.58 4.72 -25.80
CA THR A 191 -4.11 4.83 -27.17
C THR A 191 -3.06 4.50 -28.26
N LEU A 192 -1.83 4.22 -27.86
CA LEU A 192 -0.77 3.81 -28.78
C LEU A 192 -1.16 2.62 -29.67
N GLU A 193 -1.01 2.78 -30.98
CA GLU A 193 -1.35 1.74 -31.98
C GLU A 193 -0.84 0.35 -31.58
N GLN A 194 -1.72 -0.66 -31.73
CA GLN A 194 -1.46 -2.05 -31.29
C GLN A 194 -0.26 -2.70 -31.98
N GLU A 195 -0.01 -2.30 -33.23
CA GLU A 195 1.16 -2.76 -33.98
C GLU A 195 2.50 -2.23 -33.45
N LYS A 196 2.54 -0.98 -32.98
CA LYS A 196 3.71 -0.48 -32.24
C LYS A 196 3.86 -1.29 -30.92
N VAL A 197 2.75 -1.51 -30.21
CA VAL A 197 2.75 -2.28 -28.96
C VAL A 197 3.37 -3.67 -29.23
N GLU A 198 2.86 -4.33 -30.28
CA GLU A 198 3.26 -5.69 -30.68
C GLU A 198 4.72 -5.80 -31.08
N MET A 199 5.18 -4.82 -31.86
CA MET A 199 6.57 -4.75 -32.34
C MET A 199 7.57 -4.50 -31.21
N ILE A 200 7.24 -3.55 -30.33
CA ILE A 200 8.01 -3.31 -29.11
C ILE A 200 8.14 -4.59 -28.28
N GLU A 201 7.01 -5.19 -27.93
CA GLU A 201 6.95 -6.47 -27.23
C GLU A 201 7.87 -7.51 -27.89
N LYS A 202 7.70 -7.70 -29.19
CA LYS A 202 8.48 -8.70 -29.94
C LYS A 202 9.97 -8.44 -29.93
N ASN A 203 10.33 -7.17 -30.18
CA ASN A 203 11.71 -6.71 -30.14
C ASN A 203 12.39 -6.91 -28.78
N ILE A 204 11.70 -6.57 -27.70
CA ILE A 204 12.27 -6.79 -26.37
C ILE A 204 12.42 -8.29 -26.06
N LYS A 205 11.36 -9.05 -26.31
CA LYS A 205 11.40 -10.50 -26.08
C LYS A 205 12.56 -11.16 -26.84
N ASN A 206 12.89 -10.61 -28.00
CA ASN A 206 13.97 -11.16 -28.78
C ASN A 206 15.36 -10.84 -28.27
N LEU A 207 15.48 -9.89 -27.34
CA LEU A 207 16.82 -9.45 -26.90
C LEU A 207 17.49 -10.53 -26.06
N PRO A 208 18.82 -10.57 -26.08
CA PRO A 208 19.55 -11.34 -25.07
C PRO A 208 19.40 -10.73 -23.69
N SER A 209 19.68 -11.51 -22.68
CA SER A 209 19.69 -10.97 -21.32
C SER A 209 20.75 -9.83 -21.22
N ILE A 210 20.62 -9.00 -20.19
CA ILE A 210 21.44 -7.79 -20.08
C ILE A 210 22.96 -8.10 -20.04
N SER A 211 23.33 -9.10 -19.23
CA SER A 211 24.73 -9.59 -19.05
C SER A 211 25.41 -9.88 -20.34
N LYS A 212 24.66 -10.48 -21.25
CA LYS A 212 25.13 -10.70 -22.61
C LYS A 212 25.00 -9.42 -23.51
N LEU A 213 23.80 -8.82 -23.57
CA LEU A 213 23.50 -7.69 -24.47
C LEU A 213 24.44 -6.47 -24.23
N PHE A 214 24.68 -6.16 -22.96
CA PHE A 214 25.47 -4.98 -22.61
C PHE A 214 26.97 -5.16 -22.90
N GLN A 215 27.44 -6.41 -23.05
CA GLN A 215 28.79 -6.69 -23.60
C GLN A 215 28.89 -6.51 -25.14
N GLU A 216 27.76 -6.41 -25.81
CA GLU A 216 27.68 -6.44 -27.28
C GLU A 216 27.14 -5.17 -27.88
N ALA A 217 26.38 -4.37 -27.11
CA ALA A 217 25.68 -3.21 -27.69
C ALA A 217 25.74 -1.98 -26.80
N GLU A 218 25.99 -0.83 -27.42
CA GLU A 218 25.90 0.45 -26.75
C GLU A 218 24.44 0.70 -26.36
N PRO A 219 24.18 1.48 -25.32
CA PRO A 219 22.80 1.78 -24.90
C PRO A 219 21.88 2.29 -26.01
N LEU A 220 22.39 3.15 -26.89
CA LEU A 220 21.54 3.73 -27.92
C LEU A 220 21.17 2.74 -29.02
N ASP A 221 22.08 1.80 -29.28
CA ASP A 221 21.88 0.74 -30.26
C ASP A 221 20.91 -0.26 -29.66
N VAL A 222 21.06 -0.59 -28.38
CA VAL A 222 20.04 -1.39 -27.71
C VAL A 222 18.61 -0.79 -27.87
N LEU A 223 18.49 0.52 -27.74
CA LEU A 223 17.18 1.16 -27.87
C LEU A 223 16.67 1.11 -29.34
N GLU A 224 17.61 1.21 -30.29
CA GLU A 224 17.26 1.09 -31.72
C GLU A 224 16.63 -0.26 -32.01
N ARG A 225 17.27 -1.28 -31.48
CA ARG A 225 16.72 -2.64 -31.50
C ARG A 225 15.32 -2.77 -30.89
N ILE A 226 15.08 -2.19 -29.71
CA ILE A 226 13.71 -2.16 -29.16
C ILE A 226 12.64 -1.49 -30.08
N PHE A 227 12.93 -0.31 -30.62
CA PHE A 227 11.90 0.50 -31.24
C PHE A 227 11.80 0.31 -32.72
N GLY A 228 12.71 -0.50 -33.28
CA GLY A 228 12.70 -0.81 -34.73
C GLY A 228 13.32 0.27 -35.60
N GLU A 229 13.53 1.45 -35.04
CA GLU A 229 14.24 2.57 -35.62
C GLU A 229 15.11 3.22 -34.52
N LYS A 230 16.03 4.09 -34.89
CA LYS A 230 16.80 4.87 -33.93
C LYS A 230 15.89 5.81 -33.12
N VAL A 231 16.26 6.05 -31.88
CA VAL A 231 15.48 6.97 -31.07
C VAL A 231 15.80 8.40 -31.49
N GLY A 232 15.02 9.34 -30.97
CA GLY A 232 15.21 10.73 -31.25
C GLY A 232 15.98 11.39 -30.12
N PHE A 233 15.38 12.43 -29.56
CA PHE A 233 15.97 13.18 -28.45
C PHE A 233 16.14 12.28 -27.23
N VAL A 234 17.33 12.35 -26.67
CA VAL A 234 17.73 11.61 -25.48
C VAL A 234 18.40 12.53 -24.48
N GLU A 235 17.99 12.42 -23.23
CA GLU A 235 18.65 13.06 -22.10
C GLU A 235 19.47 12.03 -21.27
N THR A 236 20.51 12.53 -20.61
CA THR A 236 21.40 11.73 -19.78
C THR A 236 21.55 12.28 -18.37
N ALA A 237 21.81 11.42 -17.41
CA ALA A 237 22.21 11.90 -16.11
C ALA A 237 23.15 10.91 -15.43
N GLU A 238 23.85 11.37 -14.43
CA GLU A 238 24.77 10.54 -13.65
C GLU A 238 24.02 9.97 -12.46
N ILE A 239 24.08 8.65 -12.32
CA ILE A 239 23.48 7.96 -11.14
C ILE A 239 24.58 7.81 -10.11
N LYS A 240 24.32 8.23 -8.87
CA LYS A 240 25.34 8.11 -7.82
C LYS A 240 24.77 7.44 -6.61
N TYR A 241 25.57 6.58 -5.96
CA TYR A 241 25.21 6.08 -4.66
C TYR A 241 25.28 7.27 -3.70
N LYS A 242 24.21 7.52 -2.94
CA LYS A 242 24.26 8.57 -1.96
C LYS A 242 23.30 8.34 -0.79
N CYS A 243 23.79 8.64 0.41
CA CYS A 243 23.04 8.61 1.65
C CYS A 243 23.08 10.03 2.30
N ASP A 244 22.12 10.32 3.19
CA ASP A 244 21.99 11.59 3.86
C ASP A 244 22.30 11.42 5.36
N CYS A 245 22.77 10.25 5.78
CA CYS A 245 23.18 10.14 7.17
C CYS A 245 24.40 11.03 7.45
N ASN A 246 24.54 11.39 8.72
CA ASN A 246 25.66 12.13 9.23
C ASN A 246 25.65 11.94 10.75
N ARG A 247 26.65 12.48 11.40
CA ARG A 247 26.82 12.25 12.84
C ARG A 247 25.75 12.91 13.68
N GLU A 248 25.29 14.09 13.28
CA GLU A 248 24.18 14.72 13.97
C GLU A 248 22.96 13.79 14.03
N LYS A 249 22.70 13.11 12.91
CA LYS A 249 21.57 12.18 12.82
C LYS A 249 21.78 10.95 13.68
N ALA A 250 23.02 10.49 13.74
CA ALA A 250 23.35 9.33 14.56
C ALA A 250 23.15 9.66 16.05
N LYS A 251 23.57 10.86 16.45
CA LYS A 251 23.41 11.30 17.82
C LYS A 251 21.91 11.39 18.18
N ASN A 252 21.11 11.91 17.26
CA ASN A 252 19.64 11.94 17.43
C ASN A 252 19.02 10.54 17.50
N ALA A 253 19.58 9.62 16.72
CA ALA A 253 19.10 8.24 16.76
C ALA A 253 19.29 7.68 18.18
N LEU A 254 20.37 8.07 18.84
CA LEU A 254 20.61 7.59 20.19
C LEU A 254 19.76 8.29 21.22
N LEU A 255 19.42 9.55 20.95
CA LEU A 255 18.56 10.34 21.85
C LEU A 255 17.12 9.81 21.99
N VAL A 256 16.64 9.13 20.95
CA VAL A 256 15.33 8.50 20.94
C VAL A 256 15.28 7.18 21.71
N LEU A 257 16.45 6.63 22.06
CA LEU A 257 16.51 5.39 22.81
C LEU A 257 16.17 5.62 24.27
N ASP A 258 15.63 4.59 24.92
CA ASP A 258 15.39 4.62 26.36
C ASP A 258 16.66 4.95 27.13
N LYS A 259 16.50 5.66 28.24
CA LYS A 259 17.60 5.97 29.16
C LYS A 259 18.43 4.72 29.46
N LYS A 260 17.74 3.60 29.71
CA LYS A 260 18.36 2.32 30.07
C LYS A 260 19.32 1.76 29.03
N GLU A 261 18.93 1.84 27.75
CA GLU A 261 19.83 1.46 26.62
C GLU A 261 21.14 2.27 26.61
N LEU A 262 20.99 3.58 26.79
CA LEU A 262 22.13 4.52 26.81
C LEU A 262 23.01 4.32 28.01
N GLU A 263 22.42 3.87 29.13
CA GLU A 263 23.17 3.54 30.35
C GLU A 263 24.06 2.30 30.13
N ASP A 264 23.49 1.31 29.45
CA ASP A 264 24.16 0.04 29.18
C ASP A 264 25.35 0.21 28.24
N MET A 265 25.18 1.05 27.22
CA MET A 265 26.29 1.47 26.36
C MET A 265 27.36 2.22 27.14
N ARG A 266 26.93 3.07 28.08
CA ARG A 266 27.83 3.90 28.89
C ARG A 266 28.73 3.03 29.77
N LYS A 267 28.18 1.96 30.33
CA LYS A 267 29.00 1.02 31.10
C LYS A 267 29.78 0.08 30.17
N GLU A 268 29.30 -0.09 28.94
CA GLU A 268 30.00 -0.87 27.94
C GLU A 268 31.25 -0.11 27.45
N GLY A 269 31.31 1.18 27.75
CA GLY A 269 32.42 2.03 27.33
C GLY A 269 32.18 2.78 26.02
N LYS A 270 31.19 2.34 25.25
CA LYS A 270 30.89 2.95 23.93
C LYS A 270 29.51 2.63 23.35
N GLY A 271 29.07 3.47 22.41
CA GLY A 271 27.84 3.28 21.66
C GLY A 271 28.10 3.37 20.15
N GLU A 272 27.44 2.47 19.40
CA GLU A 272 27.54 2.48 17.95
C GLU A 272 26.19 2.56 17.27
N VAL A 273 26.11 3.42 16.27
CA VAL A 273 25.02 3.50 15.32
C VAL A 273 25.60 3.21 13.93
N VAL A 274 24.99 2.27 13.24
CA VAL A 274 25.37 1.88 11.89
C VAL A 274 24.17 2.24 11.00
N CYS A 275 24.40 3.09 10.01
CA CYS A 275 23.39 3.45 9.03
C CYS A 275 23.08 2.24 8.16
N LYS A 276 21.81 1.88 8.10
CA LYS A 276 21.41 0.66 7.39
C LYS A 276 21.54 0.87 5.87
N TRP A 277 21.48 2.12 5.42
CA TRP A 277 21.55 2.39 3.98
C TRP A 277 22.95 2.34 3.34
N CYS A 278 23.95 2.77 4.09
CA CYS A 278 25.30 2.83 3.55
C CYS A 278 26.34 2.14 4.46
N ASN A 279 25.88 1.58 5.58
CA ASN A 279 26.76 0.85 6.48
C ASN A 279 27.89 1.73 7.07
N THR A 280 27.70 3.04 7.11
CA THR A 280 28.55 3.91 7.90
C THR A 280 28.24 3.73 9.40
N ARG A 281 29.31 3.52 10.15
CA ARG A 281 29.33 3.37 11.60
C ARG A 281 29.75 4.67 12.29
N TYR A 282 29.04 4.96 13.37
CA TYR A 282 29.21 6.14 14.18
C TYR A 282 29.46 5.67 15.60
N VAL A 283 30.64 5.99 16.12
CA VAL A 283 31.08 5.52 17.44
C VAL A 283 31.10 6.71 18.40
N PHE A 284 30.55 6.49 19.59
CA PHE A 284 30.34 7.52 20.62
C PHE A 284 31.03 7.12 21.92
N SER A 285 31.78 8.04 22.51
CA SER A 285 32.54 7.73 23.72
C SER A 285 31.65 7.73 24.97
N GLU A 286 32.25 7.31 26.09
CA GLU A 286 31.58 7.33 27.38
C GLU A 286 31.13 8.75 27.72
N GLU A 287 32.01 9.72 27.52
CA GLU A 287 31.68 11.11 27.82
C GLU A 287 30.51 11.59 26.96
N GLU A 288 30.52 11.26 25.67
CA GLU A 288 29.44 11.66 24.76
C GLU A 288 28.11 11.04 25.19
N LEU A 289 28.16 9.80 25.69
CA LEU A 289 26.96 9.11 26.22
C LEU A 289 26.49 9.74 27.54
N GLU A 290 27.44 10.10 28.38
CA GLU A 290 27.11 10.86 29.59
C GLU A 290 26.39 12.15 29.17
N GLU A 291 26.92 12.82 28.16
CA GLU A 291 26.35 14.08 27.67
C GLU A 291 24.89 13.89 27.27
N LEU A 292 24.63 12.89 26.44
CA LEU A 292 23.27 12.59 25.98
C LEU A 292 22.32 12.23 27.15
N LEU A 293 22.80 11.40 28.08
CA LEU A 293 22.06 11.04 29.30
C LEU A 293 21.71 12.27 30.18
N LYS A 294 22.72 13.10 30.45
CA LYS A 294 22.52 14.40 31.10
C LYS A 294 21.38 15.17 30.38
N PHE A 295 21.39 15.10 29.05
CA PHE A 295 20.34 15.72 28.22
C PHE A 295 19.00 14.96 28.22
N LYS A 296 19.01 13.68 28.60
CA LYS A 296 17.77 12.89 28.75
C LYS A 296 16.95 13.32 29.97
N VAL A 297 17.65 13.58 31.09
CA VAL A 297 17.01 14.01 32.34
C VAL A 297 16.85 15.54 32.39
N ASP A 298 17.49 16.24 31.45
CA ASP A 298 17.32 17.70 31.33
C ASP A 298 16.17 18.11 30.38
N ASP A 299 15.87 17.26 29.39
CA ASP A 299 14.66 17.42 28.55
C ASP A 299 13.34 17.05 29.30
N HIS B 10 -37.07 -0.06 2.79
CA HIS B 10 -35.92 -1.00 3.05
C HIS B 10 -34.66 -0.27 3.55
N HIS B 11 -34.30 -0.56 4.80
CA HIS B 11 -33.19 0.12 5.45
C HIS B 11 -31.93 -0.74 5.48
N HIS B 12 -31.77 -1.54 4.39
CA HIS B 12 -30.55 -2.34 4.14
C HIS B 12 -30.45 -2.73 2.64
N MET B 13 -30.44 -1.66 1.80
CA MET B 13 -30.63 -1.72 0.35
C MET B 13 -29.72 -0.78 -0.42
N ILE B 14 -28.94 -1.36 -1.36
CA ILE B 14 -28.15 -0.56 -2.30
C ILE B 14 -28.78 -0.57 -3.69
N TYR B 15 -28.72 0.58 -4.35
CA TYR B 15 -29.17 0.72 -5.75
C TYR B 15 -27.97 1.15 -6.63
N TYR B 16 -27.84 0.62 -7.85
CA TYR B 16 -26.65 0.94 -8.64
C TYR B 16 -26.83 0.75 -10.14
N GLY B 17 -26.00 1.44 -10.88
CA GLY B 17 -26.08 1.47 -12.34
C GLY B 17 -24.96 2.35 -12.89
N THR B 18 -25.14 2.75 -14.14
CA THR B 18 -24.24 3.64 -14.87
C THR B 18 -25.04 4.67 -15.63
N MET B 19 -24.38 5.78 -15.98
CA MET B 19 -24.97 6.81 -16.82
C MET B 19 -23.96 7.19 -17.91
N PHE B 20 -24.54 7.80 -18.96
CA PHE B 20 -23.78 8.40 -20.05
C PHE B 20 -22.87 7.41 -20.76
N ASP B 21 -23.53 6.50 -21.48
CA ASP B 21 -22.88 5.41 -22.22
C ASP B 21 -21.85 4.68 -21.41
N HIS B 22 -22.16 4.47 -20.11
CA HIS B 22 -21.32 3.69 -19.21
C HIS B 22 -20.01 4.33 -18.80
N LYS B 23 -19.91 5.65 -18.94
CA LYS B 23 -18.67 6.37 -18.51
C LYS B 23 -18.69 6.81 -17.06
N VAL B 24 -19.90 6.79 -16.48
CA VAL B 24 -20.11 7.07 -15.08
C VAL B 24 -20.85 5.91 -14.44
N ARG B 25 -20.41 5.55 -13.23
CA ARG B 25 -21.12 4.56 -12.38
C ARG B 25 -21.58 5.20 -11.08
N PHE B 26 -22.67 4.65 -10.53
CA PHE B 26 -23.27 5.20 -9.33
C PHE B 26 -23.78 4.08 -8.42
N SER B 27 -23.83 4.40 -7.12
CA SER B 27 -24.18 3.55 -6.00
C SER B 27 -24.95 4.47 -5.07
N ILE B 28 -26.06 4.01 -4.49
CA ILE B 28 -26.71 4.74 -3.38
C ILE B 28 -27.31 3.73 -2.40
N VAL B 29 -27.10 3.98 -1.11
CA VAL B 29 -27.44 2.95 -0.10
C VAL B 29 -28.18 3.60 1.08
N ARG B 30 -29.18 2.88 1.55
CA ARG B 30 -29.83 3.14 2.83
C ARG B 30 -29.55 1.92 3.71
N MET B 31 -28.86 2.12 4.82
CA MET B 31 -28.46 0.95 5.62
C MET B 31 -28.43 1.19 7.11
N ARG B 32 -29.45 1.90 7.61
CA ARG B 32 -29.53 2.15 9.03
C ARG B 32 -29.54 0.87 9.86
N GLU B 33 -30.22 -0.15 9.35
CA GLU B 33 -30.26 -1.44 10.03
C GLU B 33 -28.89 -2.09 10.27
N VAL B 34 -28.03 -1.99 9.27
CA VAL B 34 -26.68 -2.55 9.30
C VAL B 34 -25.82 -1.79 10.33
N VAL B 35 -25.91 -0.47 10.30
CA VAL B 35 -25.14 0.36 11.23
C VAL B 35 -25.68 0.23 12.65
N GLU B 36 -26.99 0.06 12.76
CA GLU B 36 -27.60 -0.18 14.07
C GLU B 36 -27.06 -1.50 14.68
N GLU B 37 -26.88 -2.51 13.84
CA GLU B 37 -26.35 -3.81 14.27
C GLU B 37 -24.89 -3.77 14.71
N ALA B 38 -24.08 -3.03 13.97
CA ALA B 38 -22.74 -2.70 14.40
C ALA B 38 -22.71 -2.00 15.76
N ARG B 39 -23.60 -1.00 15.93
CA ARG B 39 -23.65 -0.27 17.19
C ARG B 39 -23.98 -1.20 18.36
N ASN B 40 -24.96 -2.08 18.16
CA ASN B 40 -25.34 -2.99 19.22
C ASN B 40 -24.35 -4.10 19.51
N ARG B 41 -23.78 -4.70 18.46
CA ARG B 41 -22.79 -5.77 18.63
C ARG B 41 -21.55 -5.28 19.40
N HIS B 42 -21.07 -4.11 19.00
CA HIS B 42 -19.89 -3.52 19.62
C HIS B 42 -20.13 -2.56 20.77
N ALA B 43 -21.41 -2.30 21.13
CA ALA B 43 -21.79 -1.33 22.14
C ALA B 43 -21.06 0.00 21.89
N LEU B 44 -21.16 0.49 20.65
CA LEU B 44 -20.53 1.73 20.25
C LEU B 44 -21.12 2.97 20.92
N SER B 45 -20.25 3.89 21.35
CA SER B 45 -20.71 5.25 21.67
C SER B 45 -21.38 5.91 20.44
N TYR B 46 -22.07 7.02 20.65
CA TYR B 46 -22.62 7.84 19.58
C TYR B 46 -21.53 8.22 18.59
N LEU B 47 -20.42 8.77 19.08
CA LEU B 47 -19.36 9.14 18.17
C LEU B 47 -18.81 7.96 17.37
N ALA B 48 -18.57 6.85 18.04
CA ALA B 48 -18.02 5.68 17.38
C ALA B 48 -19.01 5.11 16.36
N THR B 49 -20.26 5.27 16.67
CA THR B 49 -21.32 4.87 15.73
C THR B 49 -21.22 5.63 14.39
N VAL B 50 -21.02 6.93 14.48
CA VAL B 50 -20.90 7.76 13.29
C VAL B 50 -19.63 7.43 12.49
N VAL B 51 -18.51 7.29 13.20
CA VAL B 51 -17.22 7.07 12.55
C VAL B 51 -17.25 5.74 11.80
N LEU B 52 -17.56 4.67 12.53
CA LEU B 52 -17.62 3.34 11.95
C LEU B 52 -18.73 3.24 10.91
N GLY B 53 -19.89 3.80 11.22
CA GLY B 53 -21.03 3.89 10.25
C GLY B 53 -20.62 4.45 8.89
N ARG B 54 -19.94 5.58 8.91
CA ARG B 54 -19.48 6.19 7.70
C ARG B 54 -18.55 5.26 6.96
N ALA B 55 -17.63 4.65 7.70
CA ALA B 55 -16.74 3.68 7.11
C ALA B 55 -17.49 2.49 6.47
N LEU B 56 -18.45 1.93 7.20
CA LEU B 56 -19.33 0.83 6.68
C LEU B 56 -20.11 1.24 5.40
N ILE B 57 -20.65 2.45 5.40
CA ILE B 57 -21.34 2.96 4.21
C ILE B 57 -20.36 3.00 3.01
N GLY B 58 -19.18 3.53 3.25
CA GLY B 58 -18.09 3.55 2.29
C GLY B 58 -17.85 2.21 1.61
N ALA B 59 -17.53 1.21 2.43
CA ALA B 59 -17.35 -0.15 1.98
C ALA B 59 -18.58 -0.68 1.19
N ALA B 60 -19.78 -0.44 1.70
CA ALA B 60 -21.00 -0.86 1.07
C ALA B 60 -21.16 -0.29 -0.31
N LEU B 61 -20.82 0.98 -0.46
CA LEU B 61 -21.03 1.65 -1.71
C LEU B 61 -20.23 1.06 -2.87
N VAL B 62 -19.04 0.48 -2.56
CA VAL B 62 -18.21 -0.14 -3.62
C VAL B 62 -18.59 -1.60 -3.93
N THR B 63 -19.48 -2.21 -3.14
CA THR B 63 -19.81 -3.63 -3.32
C THR B 63 -20.18 -4.04 -4.74
N PRO B 64 -20.96 -3.24 -5.49
CA PRO B 64 -21.37 -3.68 -6.81
C PRO B 64 -20.22 -3.86 -7.80
N TRP B 65 -19.08 -3.32 -7.46
CA TRP B 65 -17.96 -3.18 -8.36
C TRP B 65 -16.84 -4.09 -7.98
N LEU B 66 -17.04 -4.89 -6.93
CA LEU B 66 -15.98 -5.81 -6.50
C LEU B 66 -15.88 -7.02 -7.44
N ALA B 67 -14.71 -7.66 -7.53
CA ALA B 67 -14.58 -8.89 -8.34
C ALA B 67 -15.22 -10.06 -7.60
N GLU B 68 -15.30 -11.21 -8.26
CA GLU B 68 -15.92 -12.39 -7.65
C GLU B 68 -15.17 -12.83 -6.37
N LYS B 69 -15.90 -13.02 -5.30
CA LYS B 69 -15.25 -13.42 -4.04
C LYS B 69 -14.22 -12.45 -3.49
N GLU B 70 -14.24 -11.18 -3.91
CA GLU B 70 -13.41 -10.15 -3.30
C GLU B 70 -13.85 -9.77 -1.89
N ARG B 71 -12.87 -9.65 -1.00
CA ARG B 71 -13.01 -8.84 0.22
C ARG B 71 -12.27 -7.54 0.09
N TRP B 72 -12.98 -6.43 0.28
CA TRP B 72 -12.48 -5.07 0.13
C TRP B 72 -12.49 -4.45 1.52
N THR B 73 -11.33 -4.02 2.01
CA THR B 73 -11.17 -3.45 3.37
C THR B 73 -10.64 -2.03 3.34
N LEU B 74 -11.41 -1.14 3.97
CA LEU B 74 -10.98 0.23 4.29
C LEU B 74 -10.41 0.26 5.71
N ASP B 75 -9.19 0.74 5.84
CA ASP B 75 -8.43 0.70 7.09
C ASP B 75 -7.86 2.12 7.30
N ILE B 76 -8.54 2.89 8.13
CA ILE B 76 -8.10 4.24 8.43
C ILE B 76 -7.41 4.21 9.81
N GLU B 77 -6.19 4.71 9.86
CA GLU B 77 -5.46 4.71 11.09
C GLU B 77 -4.89 6.11 11.37
N GLY B 78 -5.08 6.64 12.58
CA GLY B 78 -4.57 7.95 12.93
C GLY B 78 -4.34 8.12 14.39
N ASN B 79 -3.92 9.33 14.77
CA ASN B 79 -3.50 9.64 16.13
C ASN B 79 -4.61 10.25 17.01
N GLY B 80 -5.82 10.38 16.49
CA GLY B 80 -6.95 10.79 17.32
C GLY B 80 -7.37 9.64 18.23
N PRO B 81 -8.31 9.89 19.14
CA PRO B 81 -8.55 8.96 20.25
C PRO B 81 -9.31 7.71 19.83
N ILE B 82 -9.92 7.71 18.63
CA ILE B 82 -10.46 6.45 18.07
C ILE B 82 -9.40 5.47 17.51
N ARG B 83 -8.23 5.99 17.15
CA ARG B 83 -7.02 5.26 16.76
C ARG B 83 -7.12 4.53 15.41
N ARG B 84 -8.12 3.67 15.29
CA ARG B 84 -8.32 2.88 14.07
C ARG B 84 -9.78 2.61 13.76
N VAL B 85 -10.13 2.66 12.46
CA VAL B 85 -11.44 2.39 11.90
C VAL B 85 -11.31 1.44 10.70
N VAL B 86 -11.98 0.29 10.79
CA VAL B 86 -11.81 -0.78 9.81
C VAL B 86 -13.20 -1.29 9.33
N ALA B 87 -13.46 -1.18 8.03
CA ALA B 87 -14.68 -1.58 7.42
C ALA B 87 -14.42 -2.43 6.15
N GLN B 88 -14.98 -3.64 6.18
CA GLN B 88 -14.84 -4.59 5.14
C GLN B 88 -16.19 -4.90 4.45
N SER B 89 -16.19 -4.90 3.11
CA SER B 89 -17.30 -5.37 2.32
C SER B 89 -16.90 -6.50 1.38
N THR B 90 -17.91 -7.22 0.86
CA THR B 90 -17.72 -8.37 0.01
C THR B 90 -18.56 -8.32 -1.25
N SER B 91 -18.17 -9.14 -2.22
CA SER B 91 -18.92 -9.27 -3.46
C SER B 91 -20.35 -9.83 -3.22
N GLU B 92 -20.56 -10.44 -2.06
CA GLU B 92 -21.88 -10.95 -1.61
C GLU B 92 -22.75 -9.86 -0.99
N PHE B 93 -22.34 -8.61 -1.06
CA PHE B 93 -23.09 -7.51 -0.50
C PHE B 93 -23.18 -7.53 1.05
N THR B 94 -22.15 -8.06 1.70
CA THR B 94 -22.11 -8.03 3.17
C THR B 94 -20.99 -7.11 3.65
N VAL B 95 -21.15 -6.62 4.88
CA VAL B 95 -20.15 -5.81 5.55
C VAL B 95 -19.90 -6.29 6.98
N ARG B 96 -18.73 -5.92 7.47
CA ARG B 96 -18.38 -6.00 8.88
C ARG B 96 -17.27 -4.99 9.19
N GLY B 97 -17.10 -4.62 10.47
CA GLY B 97 -16.16 -3.59 10.82
C GLY B 97 -16.01 -3.42 12.28
N TYR B 98 -15.07 -2.56 12.66
CA TYR B 98 -14.72 -2.34 14.08
C TYR B 98 -13.85 -1.05 14.20
N VAL B 99 -13.75 -0.53 15.43
CA VAL B 99 -12.89 0.58 15.75
C VAL B 99 -12.02 0.16 16.90
N ALA B 100 -10.85 0.82 17.07
CA ALA B 100 -9.96 0.46 18.15
C ALA B 100 -10.56 0.90 19.49
N ASN B 101 -11.28 2.02 19.48
CA ASN B 101 -11.84 2.57 20.70
C ASN B 101 -13.33 2.77 20.59
N PRO B 102 -14.09 1.72 20.87
CA PRO B 102 -15.55 1.79 20.72
C PRO B 102 -16.28 2.78 21.63
N LYS B 103 -15.65 3.21 22.73
CA LYS B 103 -16.24 4.11 23.68
C LYS B 103 -15.80 5.57 23.50
N VAL B 104 -15.11 5.89 22.40
CA VAL B 104 -14.60 7.23 22.21
C VAL B 104 -15.73 8.30 22.35
N GLU B 105 -15.43 9.39 23.05
CA GLU B 105 -16.28 10.59 23.16
C GLU B 105 -15.44 11.84 22.92
N LEU B 106 -16.07 12.86 22.36
CA LEU B 106 -15.41 14.16 22.10
C LEU B 106 -16.48 15.22 22.07
N PRO B 107 -16.14 16.47 22.32
CA PRO B 107 -17.09 17.56 22.10
C PRO B 107 -17.53 17.57 20.65
N LEU B 108 -18.72 18.06 20.39
CA LEU B 108 -19.14 18.28 19.00
C LEU B 108 -18.20 19.30 18.40
N ASN B 109 -18.08 19.28 17.07
CA ASN B 109 -17.31 20.29 16.39
C ASN B 109 -18.04 21.62 16.41
N GLU B 110 -17.42 22.66 15.86
CA GLU B 110 -17.93 24.02 15.90
C GLU B 110 -19.32 24.16 15.30
N LYS B 111 -19.57 23.42 14.22
CA LYS B 111 -20.89 23.35 13.58
C LYS B 111 -21.87 22.41 14.25
N GLY B 112 -21.46 21.70 15.29
CA GLY B 112 -22.39 20.98 16.14
C GLY B 112 -22.58 19.57 15.70
N LYS B 113 -21.68 19.11 14.83
CA LYS B 113 -21.71 17.76 14.34
C LYS B 113 -20.77 16.84 15.15
N PHE B 114 -20.97 15.55 15.06
CA PHE B 114 -20.00 14.64 15.63
C PHE B 114 -18.60 14.88 14.97
N ASP B 115 -17.57 14.97 15.81
CA ASP B 115 -16.21 15.31 15.39
C ASP B 115 -15.48 14.08 14.89
N VAL B 116 -15.89 13.62 13.71
CA VAL B 116 -15.28 12.44 13.08
C VAL B 116 -13.80 12.71 12.80
N ALA B 117 -13.51 13.87 12.23
CA ALA B 117 -12.12 14.24 11.87
C ALA B 117 -11.24 14.22 13.11
N GLY B 118 -11.76 14.78 14.21
CA GLY B 118 -10.99 14.82 15.48
C GLY B 118 -10.82 13.41 16.05
N ALA B 119 -11.82 12.56 15.86
CA ALA B 119 -11.76 11.20 16.40
C ALA B 119 -10.59 10.47 15.77
N ILE B 120 -10.41 10.69 14.46
CA ILE B 120 -9.41 9.99 13.69
C ILE B 120 -8.05 10.64 13.84
N GLY B 121 -8.03 11.96 13.84
CA GLY B 121 -6.76 12.70 13.90
C GLY B 121 -5.90 12.59 12.63
N GLN B 122 -4.63 12.84 12.79
CA GLN B 122 -3.66 12.79 11.71
C GLN B 122 -3.35 11.35 11.37
N GLY B 123 -3.40 11.02 10.10
CA GLY B 123 -3.14 9.63 9.67
C GLY B 123 -3.33 9.29 8.21
N VAL B 124 -3.73 8.04 7.96
CA VAL B 124 -3.65 7.52 6.64
C VAL B 124 -4.89 6.65 6.40
N LEU B 125 -5.17 6.43 5.13
CA LEU B 125 -6.23 5.55 4.63
C LEU B 125 -5.61 4.47 3.76
N ARG B 126 -5.97 3.22 4.06
CA ARG B 126 -5.60 2.00 3.32
C ARG B 126 -6.81 1.32 2.71
N VAL B 127 -6.65 0.79 1.50
CA VAL B 127 -7.62 -0.06 0.87
C VAL B 127 -6.89 -1.35 0.54
N VAL B 128 -7.44 -2.44 1.05
CA VAL B 128 -6.91 -3.82 0.86
C VAL B 128 -7.90 -4.49 -0.04
N ARG B 129 -7.43 -4.89 -1.21
CA ARG B 129 -8.17 -5.72 -2.15
C ARG B 129 -7.67 -7.18 -2.16
N ASP B 130 -8.50 -8.03 -1.59
CA ASP B 130 -8.24 -9.45 -1.43
C ASP B 130 -9.10 -10.22 -2.46
N LEU B 131 -8.45 -10.60 -3.53
CA LEU B 131 -9.04 -11.08 -4.77
C LEU B 131 -8.61 -12.50 -5.09
N GLY B 132 -8.40 -13.35 -4.10
CA GLY B 132 -7.89 -14.70 -4.33
C GLY B 132 -6.47 -14.87 -4.89
N LEU B 133 -5.57 -13.90 -4.73
CA LEU B 133 -4.12 -14.18 -5.04
C LEU B 133 -3.42 -14.45 -3.74
N LYS B 134 -2.15 -14.80 -3.77
CA LYS B 134 -1.50 -15.29 -2.51
C LYS B 134 -1.49 -14.22 -1.42
N THR B 135 -1.40 -12.97 -1.79
CA THR B 135 -1.52 -11.84 -0.85
C THR B 135 -2.33 -10.77 -1.55
N PRO B 136 -2.97 -9.89 -0.81
CA PRO B 136 -3.86 -8.85 -1.37
C PRO B 136 -3.12 -7.59 -1.89
N PHE B 137 -3.81 -6.82 -2.76
CA PHE B 137 -3.29 -5.55 -3.21
C PHE B 137 -3.56 -4.64 -2.07
N VAL B 138 -2.61 -3.83 -1.69
CA VAL B 138 -2.83 -2.82 -0.62
C VAL B 138 -2.35 -1.48 -1.17
N SER B 139 -3.19 -0.45 -1.01
CA SER B 139 -2.83 0.89 -1.42
C SER B 139 -3.05 1.85 -0.27
N GLN B 140 -2.05 2.67 0.06
CA GLN B 140 -2.17 3.62 1.15
C GLN B 140 -1.96 5.06 0.72
N VAL B 141 -2.85 5.95 1.18
CA VAL B 141 -2.76 7.37 0.90
C VAL B 141 -2.89 8.19 2.19
N PRO B 142 -2.28 9.39 2.24
CA PRO B 142 -2.50 10.27 3.39
C PRO B 142 -3.95 10.72 3.47
N LEU B 143 -4.46 10.93 4.68
CA LEU B 143 -5.81 11.46 4.80
C LEU B 143 -5.90 12.88 4.19
N VAL B 144 -7.03 13.20 3.60
CA VAL B 144 -7.33 14.54 3.09
C VAL B 144 -7.98 15.43 4.18
N SER B 145 -8.96 14.88 4.89
CA SER B 145 -9.78 15.66 5.85
C SER B 145 -10.18 14.86 7.08
N GLY B 146 -10.12 13.55 7.02
CA GLY B 146 -10.58 12.68 8.13
C GLY B 146 -12.09 12.56 8.36
N GLU B 147 -12.91 13.10 7.44
CA GLU B 147 -14.35 12.95 7.38
C GLU B 147 -14.80 11.66 6.71
N ILE B 148 -13.84 10.91 6.17
CA ILE B 148 -13.99 9.55 5.54
C ILE B 148 -14.46 9.63 4.06
N ALA B 149 -15.61 10.24 3.81
CA ALA B 149 -16.10 10.39 2.44
C ALA B 149 -15.03 10.93 1.52
N GLU B 150 -14.51 12.11 1.88
CA GLU B 150 -13.61 12.78 0.95
C GLU B 150 -12.25 12.05 0.90
N ASP B 151 -11.87 11.46 2.03
CA ASP B 151 -10.67 10.67 2.06
C ASP B 151 -10.73 9.52 1.05
N LEU B 152 -11.88 8.84 1.03
CA LEU B 152 -12.11 7.71 0.13
C LEU B 152 -12.19 8.13 -1.34
N ALA B 153 -12.86 9.25 -1.62
CA ALA B 153 -12.84 9.82 -2.99
C ALA B 153 -11.43 10.14 -3.48
N TYR B 154 -10.59 10.67 -2.59
CA TYR B 154 -9.17 10.88 -2.90
C TYR B 154 -8.41 9.59 -3.23
N TYR B 155 -8.60 8.57 -2.41
CA TYR B 155 -8.03 7.22 -2.71
C TYR B 155 -8.41 6.84 -4.19
N PHE B 156 -9.69 6.97 -4.54
CA PHE B 156 -10.14 6.50 -5.84
C PHE B 156 -9.49 7.33 -6.93
N ALA B 157 -9.52 8.66 -6.78
CA ALA B 157 -8.87 9.53 -7.76
C ALA B 157 -7.38 9.25 -7.97
N VAL B 158 -6.66 9.11 -6.88
CA VAL B 158 -5.22 8.91 -6.96
C VAL B 158 -4.77 7.45 -7.19
N SER B 159 -5.23 6.45 -6.40
CA SER B 159 -4.74 5.07 -6.61
C SER B 159 -5.40 4.40 -7.81
N GLU B 160 -6.68 4.60 -8.02
CA GLU B 160 -7.40 3.88 -9.08
C GLU B 160 -7.65 4.69 -10.34
N GLN B 161 -7.35 5.98 -10.27
CA GLN B 161 -7.56 6.90 -11.36
C GLN B 161 -9.01 6.98 -11.77
N ILE B 162 -9.87 6.90 -10.77
CA ILE B 162 -11.31 7.03 -10.93
C ILE B 162 -11.79 8.25 -10.15
N PRO B 163 -11.98 9.36 -10.86
CA PRO B 163 -12.55 10.57 -10.23
C PRO B 163 -13.90 10.23 -9.57
N SER B 164 -14.08 10.72 -8.35
CA SER B 164 -15.12 10.21 -7.48
C SER B 164 -15.71 11.25 -6.56
N ALA B 165 -16.98 11.08 -6.24
CA ALA B 165 -17.60 11.87 -5.19
C ALA B 165 -18.29 10.90 -4.30
N PHE B 166 -18.02 10.99 -2.99
CA PHE B 166 -18.79 10.20 -2.00
C PHE B 166 -19.49 11.20 -1.14
N SER B 167 -20.76 10.94 -0.86
CA SER B 167 -21.46 11.68 0.18
C SER B 167 -22.11 10.70 1.17
N ILE B 168 -21.86 10.89 2.46
CA ILE B 168 -22.13 9.87 3.48
C ILE B 168 -22.56 10.51 4.80
N GLY B 169 -23.55 9.91 5.46
CA GLY B 169 -24.17 10.54 6.66
C GLY B 169 -24.78 9.50 7.59
N VAL B 170 -24.48 9.62 8.88
CA VAL B 170 -25.10 8.85 9.93
C VAL B 170 -25.80 9.77 10.96
N LEU B 171 -27.08 9.50 11.17
CA LEU B 171 -27.83 10.18 12.18
C LEU B 171 -28.28 9.13 13.21
N VAL B 172 -27.84 9.36 14.44
CA VAL B 172 -28.06 8.49 15.58
C VAL B 172 -28.53 9.32 16.82
N ASP B 173 -29.51 8.78 17.56
CA ASP B 173 -29.92 9.32 18.86
C ASP B 173 -30.16 8.19 19.85
N SER B 174 -30.85 8.47 20.96
CA SER B 174 -30.97 7.53 22.07
C SER B 174 -31.81 6.29 21.69
N ASP B 175 -32.69 6.40 20.70
CA ASP B 175 -33.40 5.24 20.18
C ASP B 175 -32.59 4.46 19.09
N GLY B 176 -31.37 4.89 18.81
CA GLY B 176 -30.48 4.21 17.88
C GLY B 176 -30.29 4.91 16.55
N VAL B 177 -29.78 4.17 15.57
CA VAL B 177 -29.41 4.79 14.30
C VAL B 177 -30.71 5.05 13.52
N LYS B 178 -30.88 6.31 13.10
CA LYS B 178 -32.05 6.80 12.33
C LYS B 178 -31.80 6.90 10.81
N ILE B 179 -30.57 7.26 10.46
CA ILE B 179 -30.14 7.29 9.07
C ILE B 179 -28.70 6.83 9.03
N ALA B 180 -28.41 6.02 8.04
CA ALA B 180 -27.06 5.61 7.73
C ALA B 180 -27.06 5.25 6.25
N GLY B 181 -26.67 6.22 5.45
CA GLY B 181 -26.71 6.09 4.01
C GLY B 181 -25.73 6.99 3.31
N GLY B 182 -25.66 6.83 2.00
CA GLY B 182 -24.88 7.73 1.19
C GLY B 182 -24.89 7.37 -0.28
N PHE B 183 -24.05 8.04 -1.04
CA PHE B 183 -23.92 7.73 -2.47
C PHE B 183 -22.51 7.87 -2.94
N ALA B 184 -22.25 7.26 -4.09
CA ALA B 184 -20.97 7.36 -4.75
C ALA B 184 -21.18 7.51 -6.24
N VAL B 185 -20.54 8.55 -6.81
CA VAL B 185 -20.54 8.79 -8.24
C VAL B 185 -19.09 8.81 -8.69
N GLN B 186 -18.81 8.00 -9.71
CA GLN B 186 -17.45 7.76 -10.19
C GLN B 186 -17.36 7.77 -11.70
N ILE B 187 -16.33 8.45 -12.20
CA ILE B 187 -16.05 8.52 -13.62
C ILE B 187 -15.09 7.39 -13.95
N ILE B 188 -15.61 6.39 -14.64
CA ILE B 188 -14.79 5.25 -15.00
C ILE B 188 -14.24 5.37 -16.43
N ASP B 189 -14.69 6.38 -17.16
CA ASP B 189 -14.13 6.65 -18.47
C ASP B 189 -13.98 8.16 -18.66
N ARG B 190 -12.75 8.60 -18.43
CA ARG B 190 -12.39 10.00 -18.41
C ARG B 190 -12.48 10.75 -19.71
N THR B 191 -12.96 10.11 -20.77
CA THR B 191 -13.27 10.84 -22.03
C THR B 191 -14.69 11.43 -21.94
N LEU B 192 -15.33 11.30 -20.76
CA LEU B 192 -16.62 11.91 -20.52
C LEU B 192 -16.59 13.44 -20.78
N GLU B 193 -17.55 13.93 -21.55
CA GLU B 193 -17.66 15.37 -21.83
C GLU B 193 -17.57 16.23 -20.57
N GLN B 194 -16.78 17.31 -20.65
CA GLN B 194 -16.47 18.20 -19.51
C GLN B 194 -17.70 18.88 -18.93
N GLU B 195 -18.70 19.12 -19.78
CA GLU B 195 -19.96 19.72 -19.32
C GLU B 195 -20.82 18.73 -18.52
N LYS B 196 -20.76 17.44 -18.86
CA LYS B 196 -21.37 16.42 -18.00
C LYS B 196 -20.62 16.37 -16.66
N VAL B 197 -19.28 16.39 -16.72
CA VAL B 197 -18.43 16.44 -15.52
C VAL B 197 -18.83 17.63 -14.62
N GLU B 198 -18.84 18.81 -15.21
CA GLU B 198 -19.15 20.06 -14.50
C GLU B 198 -20.54 20.08 -13.88
N MET B 199 -21.51 19.59 -14.64
CA MET B 199 -22.90 19.54 -14.20
C MET B 199 -23.08 18.56 -13.04
N ILE B 200 -22.47 17.39 -13.16
CA ILE B 200 -22.47 16.41 -12.07
C ILE B 200 -21.85 17.02 -10.82
N GLU B 201 -20.65 17.56 -10.97
CA GLU B 201 -19.99 18.27 -9.88
C GLU B 201 -20.93 19.28 -9.19
N LYS B 202 -21.53 20.15 -10.00
CA LYS B 202 -22.38 21.23 -9.49
C LYS B 202 -23.60 20.72 -8.73
N ASN B 203 -24.31 19.76 -9.35
CA ASN B 203 -25.52 19.14 -8.79
C ASN B 203 -25.24 18.46 -7.44
N ILE B 204 -24.13 17.74 -7.33
CA ILE B 204 -23.73 17.13 -6.03
C ILE B 204 -23.39 18.20 -4.98
N LYS B 205 -22.53 19.14 -5.35
CA LYS B 205 -22.12 20.18 -4.41
C LYS B 205 -23.37 20.90 -3.87
N ASN B 206 -24.40 21.02 -4.71
CA ASN B 206 -25.65 21.66 -4.31
C ASN B 206 -26.55 20.90 -3.34
N LEU B 207 -26.32 19.60 -3.18
CA LEU B 207 -27.21 18.76 -2.38
C LEU B 207 -26.98 19.03 -0.90
N PRO B 208 -28.03 18.89 -0.10
CA PRO B 208 -27.88 18.94 1.35
C PRO B 208 -27.13 17.70 1.84
N SER B 209 -26.56 17.78 3.03
CA SER B 209 -25.91 16.60 3.63
C SER B 209 -26.88 15.42 3.75
N ILE B 210 -26.33 14.22 3.78
CA ILE B 210 -27.16 13.00 3.77
C ILE B 210 -28.27 12.99 4.87
N SER B 211 -27.91 13.40 6.09
CA SER B 211 -28.84 13.40 7.23
C SER B 211 -30.11 14.15 6.87
N LYS B 212 -29.95 15.24 6.15
CA LYS B 212 -31.08 16.04 5.72
C LYS B 212 -31.68 15.50 4.40
N LEU B 213 -30.81 15.28 3.41
CA LEU B 213 -31.28 14.80 2.10
C LEU B 213 -32.13 13.51 2.17
N PHE B 214 -31.67 12.56 2.97
CA PHE B 214 -32.38 11.24 3.03
C PHE B 214 -33.72 11.27 3.78
N GLN B 215 -33.94 12.29 4.62
CA GLN B 215 -35.30 12.55 5.16
C GLN B 215 -36.27 13.21 4.15
N GLU B 216 -35.75 13.70 3.03
CA GLU B 216 -36.54 14.51 2.08
C GLU B 216 -36.73 13.84 0.76
N ALA B 217 -35.85 12.91 0.40
CA ALA B 217 -35.86 12.36 -0.96
C ALA B 217 -35.60 10.86 -0.97
N GLU B 218 -36.31 10.18 -1.86
CA GLU B 218 -36.08 8.75 -2.15
C GLU B 218 -34.76 8.61 -2.88
N PRO B 219 -34.10 7.45 -2.78
CA PRO B 219 -32.84 7.23 -3.50
C PRO B 219 -32.86 7.55 -5.01
N LEU B 220 -33.93 7.22 -5.70
CA LEU B 220 -33.95 7.45 -7.15
C LEU B 220 -34.14 8.92 -7.51
N ASP B 221 -34.85 9.65 -6.66
CA ASP B 221 -34.99 11.08 -6.83
C ASP B 221 -33.69 11.79 -6.46
N VAL B 222 -33.00 11.34 -5.43
CA VAL B 222 -31.67 11.87 -5.18
C VAL B 222 -30.76 11.75 -6.42
N LEU B 223 -30.80 10.58 -7.05
CA LEU B 223 -29.97 10.36 -8.24
C LEU B 223 -30.39 11.29 -9.39
N GLU B 224 -31.69 11.52 -9.56
CA GLU B 224 -32.18 12.39 -10.63
C GLU B 224 -31.58 13.78 -10.49
N ARG B 225 -31.53 14.24 -9.24
CA ARG B 225 -30.92 15.49 -8.89
C ARG B 225 -29.43 15.52 -9.28
N ILE B 226 -28.70 14.44 -9.03
CA ILE B 226 -27.29 14.41 -9.41
C ILE B 226 -27.08 14.54 -10.93
N PHE B 227 -27.87 13.80 -11.70
CA PHE B 227 -27.58 13.65 -13.11
C PHE B 227 -28.32 14.59 -14.02
N GLY B 228 -29.22 15.39 -13.43
CA GLY B 228 -29.99 16.39 -14.19
C GLY B 228 -31.14 15.82 -15.00
N GLU B 229 -31.24 14.48 -15.02
CA GLU B 229 -32.33 13.76 -15.65
C GLU B 229 -32.49 12.50 -14.80
N LYS B 230 -33.59 11.77 -14.99
CA LYS B 230 -33.81 10.49 -14.28
C LYS B 230 -32.83 9.44 -14.77
N VAL B 231 -32.42 8.54 -13.88
CA VAL B 231 -31.54 7.45 -14.30
C VAL B 231 -32.33 6.42 -15.11
N GLY B 232 -31.61 5.50 -15.73
CA GLY B 232 -32.23 4.48 -16.57
C GLY B 232 -32.31 3.22 -15.75
N PHE B 233 -31.56 2.20 -16.15
CA PHE B 233 -31.57 0.93 -15.42
C PHE B 233 -30.77 0.99 -14.10
N VAL B 234 -31.44 0.49 -13.06
CA VAL B 234 -30.93 0.36 -11.76
C VAL B 234 -31.13 -1.07 -11.27
N GLU B 235 -30.04 -1.62 -10.70
CA GLU B 235 -30.01 -2.87 -9.97
C GLU B 235 -30.01 -2.59 -8.47
N THR B 236 -30.54 -3.53 -7.69
CA THR B 236 -30.60 -3.42 -6.21
C THR B 236 -30.03 -4.65 -5.51
N ALA B 237 -29.57 -4.50 -4.29
CA ALA B 237 -29.23 -5.66 -3.51
C ALA B 237 -29.39 -5.34 -2.03
N GLU B 238 -29.43 -6.39 -1.23
CA GLU B 238 -29.59 -6.26 0.21
C GLU B 238 -28.20 -6.29 0.84
N ILE B 239 -27.90 -5.26 1.60
CA ILE B 239 -26.62 -5.19 2.37
C ILE B 239 -26.86 -5.82 3.72
N LYS B 240 -25.99 -6.73 4.14
CA LYS B 240 -26.14 -7.32 5.46
C LYS B 240 -24.85 -7.27 6.25
N TYR B 241 -24.97 -7.06 7.57
CA TYR B 241 -23.86 -7.25 8.47
C TYR B 241 -23.61 -8.76 8.56
N LYS B 242 -22.38 -9.18 8.29
CA LYS B 242 -22.06 -10.60 8.35
C LYS B 242 -20.59 -10.82 8.63
N CYS B 243 -20.32 -11.81 9.47
CA CYS B 243 -18.98 -12.25 9.81
C CYS B 243 -18.90 -13.78 9.50
N ASP B 244 -17.70 -14.28 9.28
CA ASP B 244 -17.44 -15.67 9.03
C ASP B 244 -16.84 -16.37 10.25
N CYS B 245 -16.74 -15.70 11.39
CA CYS B 245 -16.25 -16.42 12.58
C CYS B 245 -17.20 -17.56 12.99
N ASN B 246 -16.63 -18.55 13.67
CA ASN B 246 -17.35 -19.65 14.29
C ASN B 246 -16.43 -20.28 15.34
N ARG B 247 -16.95 -21.30 16.01
CA ARG B 247 -16.25 -21.85 17.18
C ARG B 247 -15.04 -22.63 16.78
N GLU B 248 -15.13 -23.32 15.66
CA GLU B 248 -13.98 -24.02 15.14
C GLU B 248 -12.81 -23.06 14.96
N LYS B 249 -13.10 -21.88 14.38
CA LYS B 249 -12.10 -20.84 14.14
C LYS B 249 -11.56 -20.25 15.44
N ALA B 250 -12.42 -20.10 16.43
CA ALA B 250 -11.99 -19.64 17.75
C ALA B 250 -10.99 -20.66 18.36
N LYS B 251 -11.35 -21.92 18.31
CA LYS B 251 -10.47 -22.97 18.82
C LYS B 251 -9.10 -22.94 18.12
N ASN B 252 -9.09 -22.71 16.81
CA ASN B 252 -7.84 -22.58 16.06
C ASN B 252 -7.04 -21.35 16.48
N ALA B 253 -7.77 -20.30 16.80
CA ALA B 253 -7.12 -19.09 17.28
C ALA B 253 -6.33 -19.38 18.55
N LEU B 254 -6.85 -20.27 19.37
CA LEU B 254 -6.21 -20.61 20.63
C LEU B 254 -5.07 -21.59 20.44
N LEU B 255 -5.18 -22.43 19.42
CA LEU B 255 -4.15 -23.37 19.10
C LEU B 255 -2.85 -22.75 18.57
N VAL B 256 -2.92 -21.55 18.03
CA VAL B 256 -1.73 -20.81 17.62
C VAL B 256 -0.99 -20.13 18.78
N LEU B 257 -1.67 -19.96 19.91
CA LEU B 257 -1.06 -19.37 21.10
C LEU B 257 0.01 -20.27 21.70
N ASP B 258 0.98 -19.64 22.37
CA ASP B 258 2.01 -20.37 23.10
C ASP B 258 1.38 -21.30 24.13
N LYS B 259 2.00 -22.45 24.38
CA LYS B 259 1.63 -23.36 25.46
C LYS B 259 1.40 -22.60 26.79
N LYS B 260 2.31 -21.68 27.11
CA LYS B 260 2.24 -20.93 28.39
C LYS B 260 0.95 -20.13 28.52
N GLU B 261 0.52 -19.48 27.44
CA GLU B 261 -0.76 -18.72 27.46
C GLU B 261 -1.93 -19.63 27.75
N LEU B 262 -1.94 -20.79 27.12
CA LEU B 262 -3.01 -21.76 27.28
C LEU B 262 -3.04 -22.40 28.67
N GLU B 263 -1.85 -22.55 29.26
CA GLU B 263 -1.69 -23.02 30.65
C GLU B 263 -2.31 -22.01 31.62
N ASP B 264 -2.00 -20.74 31.38
CA ASP B 264 -2.47 -19.64 32.22
C ASP B 264 -4.00 -19.50 32.23
N MET B 265 -4.61 -19.64 31.05
CA MET B 265 -6.07 -19.76 30.95
C MET B 265 -6.62 -20.98 31.71
N ARG B 266 -5.93 -22.11 31.56
CA ARG B 266 -6.32 -23.38 32.21
C ARG B 266 -6.29 -23.27 33.73
N LYS B 267 -5.30 -22.56 34.28
CA LYS B 267 -5.32 -22.30 35.72
C LYS B 267 -6.33 -21.19 36.07
N GLU B 268 -6.59 -20.28 35.14
CA GLU B 268 -7.64 -19.29 35.33
C GLU B 268 -9.04 -19.93 35.40
N GLY B 269 -9.16 -21.16 34.89
CA GLY B 269 -10.44 -21.84 34.86
C GLY B 269 -11.18 -21.74 33.52
N LYS B 270 -10.77 -20.81 32.65
CA LYS B 270 -11.41 -20.59 31.35
C LYS B 270 -10.53 -19.77 30.39
N GLY B 271 -10.80 -19.94 29.09
CA GLY B 271 -10.21 -19.13 28.04
C GLY B 271 -11.29 -18.49 27.17
N GLU B 272 -11.04 -17.24 26.76
CA GLU B 272 -12.01 -16.51 25.93
C GLU B 272 -11.32 -15.95 24.67
N VAL B 273 -12.00 -16.11 23.54
CA VAL B 273 -11.70 -15.47 22.27
C VAL B 273 -12.92 -14.60 21.91
N VAL B 274 -12.65 -13.34 21.55
CA VAL B 274 -13.68 -12.39 21.14
C VAL B 274 -13.31 -12.07 19.65
N CYS B 275 -14.24 -12.30 18.75
CA CYS B 275 -14.05 -11.89 17.37
C CYS B 275 -14.03 -10.39 17.29
N LYS B 276 -12.94 -9.82 16.79
CA LYS B 276 -12.90 -8.34 16.69
C LYS B 276 -13.97 -7.72 15.75
N TRP B 277 -14.41 -8.49 14.77
CA TRP B 277 -15.29 -7.98 13.72
C TRP B 277 -16.75 -7.87 14.17
N CYS B 278 -17.19 -8.81 15.00
CA CYS B 278 -18.60 -8.83 15.37
C CYS B 278 -18.77 -8.90 16.91
N ASN B 279 -17.66 -8.92 17.63
CA ASN B 279 -17.70 -8.95 19.08
C ASN B 279 -18.37 -10.21 19.65
N THR B 280 -18.36 -11.30 18.90
CA THR B 280 -18.83 -12.57 19.43
C THR B 280 -17.73 -13.13 20.29
N ARG B 281 -18.14 -13.57 21.50
CA ARG B 281 -17.30 -14.20 22.48
C ARG B 281 -17.46 -15.73 22.50
N TYR B 282 -16.33 -16.41 22.62
CA TYR B 282 -16.19 -17.84 22.60
C TYR B 282 -15.46 -18.25 23.87
N VAL B 283 -16.18 -18.97 24.74
CA VAL B 283 -15.68 -19.33 26.04
C VAL B 283 -15.36 -20.82 26.05
N PHE B 284 -14.16 -21.15 26.55
CA PHE B 284 -13.67 -22.53 26.60
C PHE B 284 -13.41 -22.94 28.06
N SER B 285 -13.84 -24.16 28.40
CA SER B 285 -13.71 -24.69 29.75
C SER B 285 -12.29 -25.21 29.99
N GLU B 286 -12.02 -25.51 31.27
CA GLU B 286 -10.77 -26.12 31.70
C GLU B 286 -10.47 -27.41 30.93
N GLU B 287 -11.47 -28.25 30.74
CA GLU B 287 -11.32 -29.50 30.01
C GLU B 287 -10.96 -29.25 28.56
N GLU B 288 -11.68 -28.33 27.92
CA GLU B 288 -11.43 -27.98 26.53
C GLU B 288 -10.01 -27.45 26.34
N LEU B 289 -9.50 -26.71 27.32
CA LEU B 289 -8.14 -26.17 27.29
C LEU B 289 -7.14 -27.29 27.49
N GLU B 290 -7.43 -28.18 28.44
CA GLU B 290 -6.63 -29.40 28.63
C GLU B 290 -6.51 -30.21 27.31
N GLU B 291 -7.63 -30.33 26.60
CA GLU B 291 -7.66 -30.98 25.29
C GLU B 291 -6.73 -30.31 24.28
N LEU B 292 -6.78 -28.99 24.21
CA LEU B 292 -5.96 -28.26 23.23
C LEU B 292 -4.45 -28.37 23.57
N LEU B 293 -4.14 -28.37 24.88
CA LEU B 293 -2.78 -28.49 25.40
C LEU B 293 -2.27 -29.89 25.08
N LYS B 294 -3.07 -30.91 25.40
CA LYS B 294 -2.73 -32.30 25.09
C LYS B 294 -2.46 -32.45 23.60
N PHE B 295 -3.24 -31.76 22.77
CA PHE B 295 -3.03 -31.75 21.32
C PHE B 295 -1.70 -31.10 20.92
N LYS B 296 -1.36 -29.98 21.58
CA LYS B 296 -0.07 -29.28 21.40
C LYS B 296 1.17 -30.17 21.61
N VAL B 297 1.09 -31.09 22.59
CA VAL B 297 2.21 -32.00 22.92
C VAL B 297 2.27 -33.17 21.92
N ASP B 298 1.11 -33.77 21.67
CA ASP B 298 0.91 -34.88 20.72
C ASP B 298 1.22 -34.47 19.26
N ASP B 299 0.93 -33.22 18.92
CA ASP B 299 1.36 -32.64 17.64
C ASP B 299 2.79 -32.09 17.75
ZN ZN C . 24.05 6.32 5.53
CL CL D . 27.04 -1.68 -16.53
O1 UNL E . 28.85 13.27 9.52
O2 UNL E . 30.13 12.46 9.42
O3 UNL E . 31.19 13.43 8.89
O4 UNL E . 30.52 11.86 10.73
O5 UNL E . 29.89 11.15 8.16
O6 UNL E . 29.49 11.74 6.78
O7 UNL E . 29.50 10.64 5.81
O8 UNL E . 29.30 11.26 4.47
O9 UNL E . 29.23 10.12 3.45
O10 UNL E . 28.18 9.06 3.74
O11 UNL E . 28.11 8.62 5.11
O12 UNL E . 28.36 9.71 6.16
O13 UNL E . 26.59 9.33 1.09
C1 EDO F . 7.14 6.27 -10.40
O1 EDO F . 6.28 5.28 -9.87
C2 EDO F . 6.56 7.24 -11.44
O2 EDO F . 5.93 6.60 -12.58
ZN ZN G . -17.10 -12.56 14.07
CL CL H . -30.83 5.00 6.05
O1 UNL I . -20.00 -21.22 15.79
O2 UNL I . -20.91 -20.71 16.87
O3 UNL I . -22.20 -21.50 16.70
O4 UNL I . -20.37 -21.01 18.23
O5 UNL I . -21.20 -18.93 16.60
O6 UNL I . -21.69 -18.59 15.21
O7 UNL I . -22.03 -17.16 15.10
O8 UNL I . -22.78 -16.95 13.85
O9 UNL I . -23.12 -15.46 13.66
O10 UNL I . -22.01 -14.49 13.82
O11 UNL I . -21.05 -14.84 14.84
O12 UNL I . -20.80 -16.32 15.11
O13 UNL I . -22.60 -13.06 11.76
C1 EDO J . -12.88 -1.22 -7.08
O1 EDO J . -13.14 0.09 -7.55
C2 EDO J . -12.56 -1.28 -5.59
O2 EDO J . -11.55 -0.41 -5.13
C1 EDO K . 6.69 -15.58 -6.27
O1 EDO K . 7.79 -16.50 -6.06
C2 EDO K . 5.33 -16.30 -6.44
O2 EDO K . 5.36 -17.35 -7.40
#